data_1OGM
#
_entry.id   1OGM
#
_cell.length_a   103.670
_cell.length_b   115.516
_cell.length_c   50.040
_cell.angle_alpha   90.00
_cell.angle_beta   90.00
_cell.angle_gamma   90.00
#
_symmetry.space_group_name_H-M   'P 21 21 2'
#
loop_
_entity.id
_entity.type
_entity.pdbx_description
1 polymer DEXTRANASE
2 water water
#
_entity_poly.entity_id   1
_entity_poly.type   'polypeptide(L)'
_entity_poly.pdbx_seq_one_letter_code
;HGTTANTHCGADFCTWWHDSGEINTQTPVQPGNVRQSHKYSVQVSLAGTNNFHDSFVYESIPRNGNGRIYAPTDPPNSNT
LDSSVDDGISIEPSIGLNMAWSQFEYSHDVDVKILATDGSSLGSPSDVVIRPVSISYAISQSDDGGIVIRVPADANGRKF
SVEFKTDLYTFLSDGNEYVTSGGSVVGVEPTNALVIFASPFLPSGMIPHMTPDNTQTMTPGPINNGDWGAKSILYFPPGV
YWMNQDQSGNSGKLGSNHIRLNSNTYWVYLAPGAYVKGAIEYFTKQNFYATGHGILSGENYVYQANAGDNYIAVKSDSTS
LRMWWHNNLGGGQTWYCVGPTINAPPFNTMDFNGNSGISSQISDYKQVGAFFFQTDGPEIYPNSVVHDVFWHVNDDAIKI
YYSGASVSRATIWKCHNDPIIQMGWTSRDISGVTIDTLNVIHTRYIKSETVVPSAIIGASPFYASGMSPDSRKSISMTVS
NVVCEGLCPSLFRITPLQNYKNFVVKNVAFPDGLQTNSIGTGESIIPAASGLTMGLAISAWTIGGQKVTMENFQANSLGQ
FNIDGSYWGEWQIS
;
_entity_poly.pdbx_strand_id   X
#
# COMPACT_ATOMS: atom_id res chain seq x y z
N THR A 3 -25.78 -2.59 19.00
CA THR A 3 -26.14 -1.49 19.94
C THR A 3 -25.33 -0.22 19.59
N THR A 4 -25.69 0.92 20.19
CA THR A 4 -25.35 2.22 19.60
C THR A 4 -23.96 2.77 19.97
N ALA A 5 -23.25 3.25 18.95
CA ALA A 5 -21.92 3.81 19.15
C ALA A 5 -21.99 5.28 19.57
N ASN A 6 -20.99 5.69 20.34
CA ASN A 6 -20.86 7.05 20.84
C ASN A 6 -19.71 7.72 20.09
N THR A 7 -20.03 8.38 18.98
CA THR A 7 -19.01 9.07 18.15
C THR A 7 -18.93 10.58 18.46
N HIS A 8 -17.91 11.23 17.90
CA HIS A 8 -17.74 12.68 18.04
C HIS A 8 -17.23 13.25 16.72
N CYS A 9 -17.82 14.35 16.27
CA CYS A 9 -17.35 15.00 15.06
C CYS A 9 -17.40 16.51 15.19
N GLY A 10 -16.24 17.09 15.42
CA GLY A 10 -16.08 18.53 15.44
C GLY A 10 -14.82 18.95 14.71
N ALA A 11 -14.40 20.20 14.95
CA ALA A 11 -13.20 20.74 14.31
C ALA A 11 -11.94 20.29 15.03
N ASP A 12 -12.09 19.73 16.24
CA ASP A 12 -10.98 19.21 17.03
C ASP A 12 -10.61 17.78 16.63
N PHE A 13 -11.61 16.91 16.56
CA PHE A 13 -11.42 15.57 16.00
C PHE A 13 -12.74 15.01 15.51
N CYS A 14 -12.65 14.02 14.64
CA CYS A 14 -13.84 13.38 14.09
C CYS A 14 -13.66 11.85 13.96
N THR A 15 -14.56 11.10 14.60
CA THR A 15 -14.67 9.65 14.43
C THR A 15 -16.04 9.30 13.84
N TRP A 16 -16.15 8.07 13.35
CA TRP A 16 -17.39 7.59 12.76
C TRP A 16 -17.62 6.10 12.94
N TRP A 17 -18.82 5.65 12.58
CA TRP A 17 -19.27 4.27 12.75
C TRP A 17 -20.01 3.80 11.50
N HIS A 18 -20.33 2.52 11.50
CA HIS A 18 -21.22 1.92 10.53
C HIS A 18 -22.22 1.02 11.25
N ASP A 19 -23.50 1.21 10.94
CA ASP A 19 -24.58 0.41 11.53
C ASP A 19 -24.72 -0.99 10.93
N SER A 20 -23.86 -1.33 9.95
CA SER A 20 -23.91 -2.63 9.30
C SER A 20 -22.56 -3.36 9.38
N GLY A 21 -21.80 -3.13 10.44
CA GLY A 21 -20.60 -3.90 10.71
C GLY A 21 -20.92 -5.39 10.86
N GLU A 22 -20.02 -6.23 10.37
CA GLU A 22 -20.14 -7.68 10.42
C GLU A 22 -18.79 -8.31 10.79
N ILE A 23 -18.77 -9.09 11.87
CA ILE A 23 -17.62 -9.87 12.27
C ILE A 23 -17.64 -11.16 11.48
N ASN A 24 -16.58 -11.40 10.71
CA ASN A 24 -16.52 -12.49 9.75
C ASN A 24 -15.07 -12.67 9.33
N THR A 25 -14.49 -13.82 9.65
CA THR A 25 -13.08 -14.08 9.34
C THR A 25 -12.86 -15.08 8.21
N GLN A 26 -13.95 -15.52 7.56
CA GLN A 26 -13.91 -16.67 6.65
C GLN A 26 -14.53 -16.49 5.25
N THR A 27 -15.56 -15.66 5.12
CA THR A 27 -16.34 -15.54 3.86
C THR A 27 -16.60 -14.07 3.50
N PRO A 28 -17.19 -13.78 2.34
CA PRO A 28 -17.54 -12.41 2.02
C PRO A 28 -18.58 -11.89 2.99
N VAL A 29 -18.55 -10.61 3.33
CA VAL A 29 -19.63 -10.03 4.13
C VAL A 29 -20.83 -9.78 3.22
N GLN A 30 -22.00 -9.54 3.82
CA GLN A 30 -23.20 -9.24 3.03
C GLN A 30 -22.98 -7.95 2.22
N PRO A 31 -23.66 -7.79 1.08
CA PRO A 31 -23.42 -6.61 0.22
C PRO A 31 -23.42 -5.26 0.94
N GLY A 32 -24.41 -5.05 1.82
CA GLY A 32 -24.57 -3.80 2.54
C GLY A 32 -23.84 -3.70 3.87
N ASN A 33 -23.05 -4.74 4.20
CA ASN A 33 -22.29 -4.79 5.44
C ASN A 33 -20.81 -4.43 5.21
N VAL A 34 -20.12 -4.14 6.31
N VAL A 34 -20.12 -4.15 6.30
CA VAL A 34 -18.71 -3.79 6.30
CA VAL A 34 -18.70 -3.82 6.27
C VAL A 34 -17.97 -4.70 7.30
C VAL A 34 -17.96 -4.68 7.29
N ARG A 35 -16.92 -5.38 6.83
CA ARG A 35 -16.16 -6.27 7.70
C ARG A 35 -15.52 -5.48 8.82
N GLN A 36 -15.79 -5.92 10.03
CA GLN A 36 -15.39 -5.24 11.27
C GLN A 36 -14.41 -6.12 12.03
N SER A 37 -13.42 -5.50 12.69
CA SER A 37 -12.39 -6.24 13.41
C SER A 37 -12.99 -7.22 14.43
N HIS A 38 -12.52 -8.46 14.38
CA HIS A 38 -12.97 -9.50 15.31
C HIS A 38 -12.22 -9.50 16.65
N LYS A 39 -11.20 -8.65 16.76
CA LYS A 39 -10.29 -8.67 17.90
C LYS A 39 -10.12 -7.33 18.63
N TYR A 40 -10.24 -6.20 17.91
CA TYR A 40 -9.92 -4.90 18.49
C TYR A 40 -11.06 -3.88 18.44
N SER A 41 -11.16 -3.09 19.51
CA SER A 41 -11.88 -1.82 19.47
C SER A 41 -10.94 -0.66 19.61
N VAL A 42 -11.28 0.44 18.96
CA VAL A 42 -10.51 1.67 19.00
C VAL A 42 -11.43 2.82 19.43
N GLN A 43 -10.93 3.66 20.33
CA GLN A 43 -11.64 4.88 20.75
C GLN A 43 -10.68 6.07 20.84
N VAL A 44 -11.23 7.27 20.70
CA VAL A 44 -10.45 8.50 20.71
C VAL A 44 -11.02 9.50 21.71
N SER A 45 -10.13 10.14 22.46
CA SER A 45 -10.46 11.24 23.38
C SER A 45 -9.52 12.42 23.14
N LEU A 46 -10.00 13.64 23.37
CA LEU A 46 -9.07 14.77 23.54
C LEU A 46 -8.02 14.39 24.59
N ALA A 47 -6.78 14.80 24.37
CA ALA A 47 -5.66 14.39 25.21
C ALA A 47 -5.89 14.67 26.70
N GLY A 48 -5.77 13.63 27.52
CA GLY A 48 -5.84 13.75 28.96
C GLY A 48 -7.21 13.87 29.59
N THR A 49 -8.28 13.82 28.79
CA THR A 49 -9.64 14.07 29.30
C THR A 49 -10.50 12.84 29.69
N ASN A 50 -10.05 11.63 29.37
CA ASN A 50 -10.80 10.38 29.68
C ASN A 50 -12.25 10.43 29.19
N ASN A 51 -12.43 10.92 27.96
CA ASN A 51 -13.75 11.11 27.34
C ASN A 51 -13.73 10.42 25.95
N PHE A 52 -13.79 9.10 25.98
CA PHE A 52 -13.50 8.27 24.80
C PHE A 52 -14.72 8.03 23.92
N HIS A 53 -14.50 8.15 22.59
CA HIS A 53 -15.54 8.04 21.56
C HIS A 53 -15.19 6.90 20.61
N ASP A 54 -16.18 6.10 20.21
CA ASP A 54 -15.97 4.98 19.31
C ASP A 54 -15.45 5.38 17.91
N SER A 55 -14.52 4.59 17.37
CA SER A 55 -13.95 4.78 16.03
C SER A 55 -13.97 3.40 15.35
N PHE A 56 -14.66 3.30 14.21
CA PHE A 56 -14.86 1.99 13.56
C PHE A 56 -13.52 1.34 13.20
N VAL A 57 -13.39 0.04 13.44
CA VAL A 57 -12.22 -0.72 13.03
C VAL A 57 -12.63 -1.68 11.91
N TYR A 58 -12.16 -1.38 10.71
CA TYR A 58 -12.33 -2.21 9.52
C TYR A 58 -11.36 -3.42 9.58
N GLU A 59 -11.69 -4.48 8.84
CA GLU A 59 -10.84 -5.65 8.71
C GLU A 59 -10.83 -6.13 7.26
N SER A 60 -9.66 -6.58 6.81
CA SER A 60 -9.45 -7.11 5.44
C SER A 60 -8.69 -8.43 5.55
N ILE A 61 -9.09 -9.46 4.80
CA ILE A 61 -8.50 -10.79 4.92
C ILE A 61 -7.99 -11.31 3.56
N PRO A 62 -6.96 -12.17 3.56
CA PRO A 62 -6.45 -12.76 2.32
C PRO A 62 -7.57 -13.43 1.52
N ARG A 63 -7.64 -13.10 0.24
CA ARG A 63 -8.69 -13.56 -0.68
C ARG A 63 -10.10 -13.02 -0.40
N ASN A 64 -10.23 -12.13 0.57
CA ASN A 64 -11.46 -11.38 0.83
C ASN A 64 -12.64 -12.25 1.27
N GLY A 65 -12.36 -13.48 1.69
CA GLY A 65 -13.40 -14.47 1.97
C GLY A 65 -13.91 -15.23 0.75
N ASN A 66 -13.52 -14.78 -0.44
CA ASN A 66 -13.93 -15.42 -1.70
C ASN A 66 -13.15 -16.70 -1.96
N GLY A 67 -11.94 -16.78 -1.42
CA GLY A 67 -11.06 -17.90 -1.67
C GLY A 67 -10.47 -17.90 -3.07
N ARG A 68 -10.10 -19.09 -3.53
CA ARG A 68 -9.49 -19.27 -4.86
C ARG A 68 -10.56 -19.45 -5.94
N ILE A 69 -11.17 -18.35 -6.40
CA ILE A 69 -12.23 -18.43 -7.41
C ILE A 69 -11.89 -17.68 -8.71
N TYR A 70 -12.42 -18.20 -9.82
CA TYR A 70 -12.16 -17.71 -11.17
C TYR A 70 -13.13 -16.56 -11.55
N ALA A 71 -14.34 -16.59 -10.99
CA ALA A 71 -15.37 -15.62 -11.37
C ALA A 71 -16.07 -15.10 -10.12
N PRO A 72 -16.48 -13.82 -10.12
CA PRO A 72 -17.02 -13.17 -8.92
C PRO A 72 -18.40 -13.69 -8.51
N THR A 73 -19.05 -14.47 -9.36
CA THR A 73 -20.32 -15.11 -9.04
C THR A 73 -20.17 -16.55 -8.52
N ASP A 74 -18.95 -17.05 -8.40
CA ASP A 74 -18.69 -18.40 -7.87
C ASP A 74 -18.97 -18.44 -6.36
N PRO A 75 -19.40 -19.59 -5.83
CA PRO A 75 -19.58 -19.71 -4.38
C PRO A 75 -18.23 -19.49 -3.66
N PRO A 76 -18.23 -18.87 -2.49
CA PRO A 76 -16.97 -18.60 -1.80
C PRO A 76 -16.24 -19.89 -1.42
N ASN A 77 -14.91 -19.87 -1.54
CA ASN A 77 -14.06 -20.96 -1.12
C ASN A 77 -14.36 -22.28 -1.83
N SER A 78 -14.71 -22.17 -3.12
CA SER A 78 -15.07 -23.35 -3.94
C SER A 78 -13.96 -23.81 -4.88
N ASN A 79 -12.79 -23.18 -4.82
CA ASN A 79 -11.59 -23.70 -5.50
C ASN A 79 -11.74 -23.82 -7.03
N THR A 80 -12.35 -22.84 -7.67
CA THR A 80 -12.54 -22.86 -9.12
C THR A 80 -11.36 -22.29 -9.92
N LEU A 81 -10.49 -21.53 -9.24
CA LEU A 81 -9.25 -21.07 -9.86
C LEU A 81 -8.36 -22.28 -10.18
N ASP A 82 -7.70 -22.24 -11.33
CA ASP A 82 -6.83 -23.35 -11.72
C ASP A 82 -5.76 -23.57 -10.67
N SER A 83 -5.47 -24.84 -10.34
CA SER A 83 -4.56 -25.18 -9.24
C SER A 83 -3.10 -24.73 -9.46
N SER A 84 -2.76 -24.43 -10.71
CA SER A 84 -1.43 -23.97 -11.08
C SER A 84 -1.21 -22.45 -10.88
N VAL A 85 -2.27 -21.70 -10.61
CA VAL A 85 -2.17 -20.26 -10.44
C VAL A 85 -1.79 -19.95 -8.98
N ASP A 86 -0.68 -19.24 -8.83
CA ASP A 86 -0.24 -18.73 -7.53
C ASP A 86 -0.74 -17.30 -7.46
N ASP A 87 -1.70 -17.04 -6.57
CA ASP A 87 -2.28 -15.68 -6.42
C ASP A 87 -1.55 -14.80 -5.40
N GLY A 88 -0.44 -15.28 -4.87
CA GLY A 88 0.34 -14.56 -3.87
C GLY A 88 0.02 -14.97 -2.44
N ILE A 89 -0.90 -15.91 -2.29
CA ILE A 89 -1.34 -16.40 -0.99
C ILE A 89 -1.13 -17.92 -0.90
N SER A 90 -0.60 -18.36 0.24
CA SER A 90 -0.31 -19.75 0.53
C SER A 90 -0.70 -20.09 1.99
N ILE A 91 0.18 -19.81 2.94
CA ILE A 91 -0.03 -20.20 4.35
C ILE A 91 -0.87 -19.19 5.16
N GLU A 92 -1.02 -17.98 4.64
CA GLU A 92 -1.56 -16.87 5.42
C GLU A 92 -2.94 -17.18 6.04
N PRO A 93 -3.90 -17.74 5.30
CA PRO A 93 -5.20 -18.08 5.92
C PRO A 93 -5.11 -19.11 7.07
N SER A 94 -4.26 -20.11 6.94
CA SER A 94 -4.15 -21.15 7.98
C SER A 94 -3.57 -20.65 9.31
N ILE A 95 -2.81 -19.55 9.28
CA ILE A 95 -2.27 -18.97 10.52
C ILE A 95 -3.06 -17.73 10.99
N GLY A 96 -4.11 -17.37 10.26
CA GLY A 96 -5.06 -16.34 10.66
C GLY A 96 -4.69 -14.91 10.30
N LEU A 97 -3.80 -14.73 9.33
CA LEU A 97 -3.32 -13.40 8.96
C LEU A 97 -4.44 -12.49 8.46
N ASN A 98 -4.50 -11.27 9.00
CA ASN A 98 -5.44 -10.24 8.52
C ASN A 98 -4.94 -8.85 8.88
N MET A 99 -5.52 -7.82 8.24
CA MET A 99 -5.17 -6.42 8.50
C MET A 99 -6.43 -5.63 8.88
N ALA A 100 -6.41 -5.07 10.10
CA ALA A 100 -7.44 -4.17 10.59
C ALA A 100 -6.90 -2.74 10.68
N TRP A 101 -7.79 -1.77 10.53
CA TRP A 101 -7.40 -0.36 10.57
C TRP A 101 -8.55 0.51 11.01
N SER A 102 -8.21 1.66 11.59
CA SER A 102 -9.18 2.68 12.00
C SER A 102 -8.62 4.04 11.61
N GLN A 103 -9.48 4.87 11.03
CA GLN A 103 -9.12 6.25 10.66
C GLN A 103 -10.00 7.25 11.38
N PHE A 104 -9.38 8.33 11.85
CA PHE A 104 -10.10 9.51 12.34
C PHE A 104 -9.42 10.79 11.84
N GLU A 105 -10.11 11.92 11.98
CA GLU A 105 -9.54 13.23 11.62
C GLU A 105 -9.21 13.99 12.90
N TYR A 106 -8.15 14.80 12.90
CA TYR A 106 -7.79 15.55 14.11
C TYR A 106 -6.96 16.83 13.84
N SER A 107 -7.09 17.81 14.73
CA SER A 107 -6.29 19.05 14.71
C SER A 107 -5.70 19.40 16.08
N HIS A 108 -5.99 18.57 17.08
CA HIS A 108 -5.47 18.74 18.44
C HIS A 108 -4.99 17.41 19.02
N ASP A 109 -4.10 17.46 20.00
CA ASP A 109 -3.55 16.24 20.61
C ASP A 109 -4.71 15.36 21.10
N VAL A 110 -4.64 14.06 20.81
CA VAL A 110 -5.65 13.10 21.27
C VAL A 110 -4.99 11.87 21.93
N ASP A 111 -5.78 11.14 22.71
CA ASP A 111 -5.43 9.80 23.18
C ASP A 111 -6.22 8.76 22.37
N VAL A 112 -5.55 7.68 21.98
CA VAL A 112 -6.19 6.57 21.26
C VAL A 112 -6.15 5.34 22.16
N LYS A 113 -7.32 4.79 22.50
CA LYS A 113 -7.43 3.62 23.38
C LYS A 113 -7.79 2.36 22.60
N ILE A 114 -7.01 1.29 22.82
CA ILE A 114 -7.24 -0.01 22.21
C ILE A 114 -7.61 -1.05 23.28
N LEU A 115 -8.67 -1.81 23.02
CA LEU A 115 -9.08 -2.95 23.85
C LEU A 115 -9.24 -4.18 22.98
N ALA A 116 -9.03 -5.36 23.57
CA ALA A 116 -9.36 -6.62 22.91
C ALA A 116 -10.80 -6.97 23.16
N THR A 117 -11.44 -7.59 22.16
CA THR A 117 -12.84 -8.02 22.21
C THR A 117 -13.04 -9.55 22.17
N ASP A 118 -11.96 -10.31 22.03
CA ASP A 118 -12.03 -11.77 21.80
C ASP A 118 -11.45 -12.61 22.96
N GLY A 119 -11.29 -11.98 24.11
CA GLY A 119 -10.77 -12.64 25.30
C GLY A 119 -9.26 -12.58 25.46
N SER A 120 -8.56 -12.01 24.46
CA SER A 120 -7.11 -11.83 24.51
C SER A 120 -6.72 -10.86 25.60
N SER A 121 -5.50 -11.03 26.11
CA SER A 121 -4.82 -9.99 26.88
C SER A 121 -3.86 -9.30 25.93
N LEU A 122 -3.95 -7.97 25.81
CA LEU A 122 -3.06 -7.24 24.89
C LEU A 122 -1.62 -7.22 25.40
N GLY A 123 -1.44 -7.22 26.72
CA GLY A 123 -0.13 -7.24 27.34
C GLY A 123 0.17 -5.88 27.97
N SER A 124 1.37 -5.70 28.52
CA SER A 124 1.72 -4.42 29.13
C SER A 124 2.23 -3.44 28.05
N PRO A 125 2.32 -2.14 28.35
CA PRO A 125 2.82 -1.16 27.38
C PRO A 125 4.22 -1.45 26.85
N SER A 126 5.05 -2.09 27.66
CA SER A 126 6.42 -2.47 27.25
C SER A 126 6.44 -3.63 26.21
N ASP A 127 5.32 -4.35 26.11
CA ASP A 127 5.12 -5.39 25.09
C ASP A 127 4.64 -4.82 23.73
N VAL A 128 4.43 -3.50 23.61
CA VAL A 128 3.91 -2.87 22.39
C VAL A 128 5.04 -2.24 21.57
N VAL A 129 5.01 -2.42 20.25
CA VAL A 129 5.89 -1.72 19.33
C VAL A 129 5.02 -0.99 18.32
N ILE A 130 5.33 0.29 18.06
CA ILE A 130 4.64 1.07 17.04
C ILE A 130 5.61 1.39 15.90
N ARG A 131 5.22 1.04 14.66
CA ARG A 131 6.03 1.21 13.45
C ARG A 131 5.35 2.25 12.55
N PRO A 132 6.11 3.15 11.91
CA PRO A 132 7.57 3.17 11.86
C PRO A 132 8.24 3.60 13.17
N VAL A 133 9.36 2.95 13.50
CA VAL A 133 10.01 3.20 14.78
C VAL A 133 10.73 4.56 14.83
N SER A 134 10.85 5.23 13.68
CA SER A 134 11.39 6.59 13.58
C SER A 134 10.61 7.64 14.38
N ILE A 135 9.32 7.38 14.64
CA ILE A 135 8.46 8.26 15.44
C ILE A 135 7.95 7.50 16.65
N SER A 136 8.39 7.89 17.85
CA SER A 136 8.01 7.21 19.09
C SER A 136 6.76 7.83 19.73
N TYR A 137 6.08 7.03 20.55
CA TYR A 137 4.85 7.44 21.25
C TYR A 137 4.90 7.15 22.74
N ALA A 138 4.21 7.99 23.52
CA ALA A 138 3.93 7.71 24.92
C ALA A 138 2.79 6.71 25.00
N ILE A 139 3.03 5.56 25.62
CA ILE A 139 2.06 4.48 25.73
C ILE A 139 1.84 4.11 27.19
N SER A 140 0.57 3.94 27.59
CA SER A 140 0.24 3.56 28.96
C SER A 140 -0.85 2.48 28.99
N GLN A 141 -1.12 1.94 30.17
CA GLN A 141 -2.15 0.92 30.32
C GLN A 141 -3.23 1.42 31.26
N SER A 142 -4.49 1.26 30.86
CA SER A 142 -5.62 1.60 31.72
C SER A 142 -5.95 0.41 32.62
N ASP A 143 -6.80 0.64 33.63
CA ASP A 143 -7.06 -0.38 34.65
C ASP A 143 -7.90 -1.55 34.13
N ASP A 144 -8.59 -1.33 33.01
CA ASP A 144 -9.32 -2.41 32.34
C ASP A 144 -8.46 -3.27 31.41
N GLY A 145 -7.15 -3.02 31.37
CA GLY A 145 -6.24 -3.74 30.49
C GLY A 145 -6.03 -3.10 29.13
N GLY A 146 -6.68 -1.96 28.87
CA GLY A 146 -6.54 -1.28 27.59
C GLY A 146 -5.17 -0.63 27.43
N ILE A 147 -4.79 -0.36 26.18
CA ILE A 147 -3.55 0.32 25.87
C ILE A 147 -3.92 1.71 25.33
N VAL A 148 -3.27 2.75 25.86
CA VAL A 148 -3.57 4.14 25.49
C VAL A 148 -2.34 4.83 24.90
N ILE A 149 -2.50 5.42 23.72
CA ILE A 149 -1.41 6.05 22.96
C ILE A 149 -1.71 7.53 22.82
N ARG A 150 -0.77 8.39 23.26
CA ARG A 150 -0.84 9.83 23.04
C ARG A 150 -0.38 10.20 21.64
N VAL A 151 -1.29 10.72 20.81
CA VAL A 151 -0.96 11.14 19.46
C VAL A 151 -1.00 12.67 19.36
N PRO A 152 0.16 13.31 19.27
CA PRO A 152 0.20 14.77 19.13
C PRO A 152 -0.30 15.25 17.77
N ALA A 153 -0.87 16.45 17.77
CA ALA A 153 -1.28 17.10 16.54
C ALA A 153 -0.07 17.23 15.62
N ASP A 154 -0.33 17.07 14.34
CA ASP A 154 0.69 17.10 13.29
C ASP A 154 0.01 17.49 11.97
N ALA A 155 0.53 18.52 11.30
CA ALA A 155 -0.04 18.99 10.04
C ALA A 155 -0.05 17.93 8.95
N ASN A 156 0.87 16.98 9.05
CA ASN A 156 1.01 15.87 8.11
C ASN A 156 0.28 14.59 8.55
N GLY A 157 -0.33 14.64 9.73
CA GLY A 157 -0.93 13.49 10.38
C GLY A 157 0.08 12.42 10.78
N ARG A 158 -0.45 11.28 11.23
CA ARG A 158 0.34 10.11 11.59
C ARG A 158 -0.36 8.85 11.02
N LYS A 159 0.46 7.91 10.57
CA LYS A 159 -0.02 6.63 10.02
C LYS A 159 0.91 5.52 10.57
N PHE A 160 0.39 4.69 11.46
CA PHE A 160 1.22 3.74 12.20
C PHE A 160 0.56 2.40 12.49
N SER A 161 1.40 1.38 12.71
CA SER A 161 1.02 0.01 13.03
C SER A 161 1.29 -0.26 14.51
N VAL A 162 0.27 -0.70 15.24
CA VAL A 162 0.39 -1.04 16.66
C VAL A 162 0.51 -2.57 16.78
N GLU A 163 1.60 -3.04 17.41
CA GLU A 163 2.00 -4.45 17.37
C GLU A 163 2.24 -5.00 18.78
N PHE A 164 1.51 -6.07 19.13
CA PHE A 164 1.59 -6.66 20.49
C PHE A 164 2.40 -7.94 20.48
N LYS A 165 3.36 -8.03 21.40
CA LYS A 165 4.32 -9.14 21.41
C LYS A 165 3.70 -10.54 21.31
N THR A 166 2.68 -10.84 22.12
CA THR A 166 2.13 -12.20 22.15
C THR A 166 1.25 -12.51 20.93
N ASP A 167 0.95 -11.50 20.12
CA ASP A 167 0.21 -11.68 18.88
C ASP A 167 1.08 -11.94 17.64
N LEU A 168 2.38 -11.69 17.74
CA LEU A 168 3.30 -11.79 16.60
C LEU A 168 3.42 -13.22 16.07
N TYR A 169 3.42 -13.32 14.74
CA TYR A 169 3.68 -14.55 14.00
C TYR A 169 5.06 -14.48 13.34
N THR A 170 5.81 -15.58 13.40
CA THR A 170 7.11 -15.67 12.74
C THR A 170 7.01 -16.43 11.44
N PHE A 171 7.19 -15.71 10.34
CA PHE A 171 7.24 -16.31 9.00
C PHE A 171 8.56 -17.03 8.80
N LEU A 172 8.45 -18.31 8.43
CA LEU A 172 9.59 -19.20 8.19
C LEU A 172 9.55 -19.70 6.75
N SER A 173 10.70 -19.75 6.10
CA SER A 173 10.81 -20.21 4.72
C SER A 173 11.95 -21.21 4.54
N ASP A 174 11.72 -22.20 3.68
CA ASP A 174 12.80 -23.11 3.27
C ASP A 174 13.49 -22.65 1.97
N GLY A 175 13.19 -21.43 1.51
CA GLY A 175 13.74 -20.89 0.26
C GLY A 175 12.85 -21.06 -0.96
N ASN A 176 11.80 -21.87 -0.82
CA ASN A 176 10.83 -22.16 -1.86
C ASN A 176 9.37 -21.89 -1.46
N GLU A 177 9.03 -22.21 -0.20
CA GLU A 177 7.69 -21.98 0.35
C GLU A 177 7.77 -21.68 1.85
N TYR A 178 6.75 -21.04 2.39
CA TYR A 178 6.63 -20.89 3.84
C TYR A 178 6.41 -22.27 4.46
N VAL A 179 7.01 -22.47 5.64
CA VAL A 179 6.90 -23.72 6.43
C VAL A 179 6.40 -23.42 7.86
N THR A 180 5.84 -24.43 8.54
CA THR A 180 5.29 -24.20 9.89
C THR A 180 6.34 -24.34 11.00
N SER A 181 7.46 -24.97 10.68
CA SER A 181 8.62 -25.06 11.58
C SER A 181 9.89 -25.31 10.76
N GLY A 182 11.04 -25.12 11.38
CA GLY A 182 12.31 -25.22 10.69
C GLY A 182 12.51 -24.05 9.73
N GLY A 183 13.31 -24.28 8.69
CA GLY A 183 13.62 -23.22 7.73
C GLY A 183 14.37 -22.05 8.34
N SER A 184 14.18 -20.86 7.76
CA SER A 184 14.81 -19.63 8.21
C SER A 184 13.78 -18.52 8.44
N VAL A 185 14.02 -17.65 9.41
CA VAL A 185 13.13 -16.53 9.73
C VAL A 185 13.24 -15.48 8.63
N VAL A 186 12.12 -15.16 8.00
CA VAL A 186 12.06 -14.12 6.96
C VAL A 186 11.18 -12.93 7.31
N GLY A 187 10.50 -13.00 8.44
CA GLY A 187 9.71 -11.88 8.94
C GLY A 187 9.02 -12.18 10.25
N VAL A 188 8.79 -11.14 11.04
CA VAL A 188 8.01 -11.22 12.27
C VAL A 188 7.02 -10.05 12.26
N GLU A 189 5.74 -10.35 12.26
CA GLU A 189 4.71 -9.31 12.22
C GLU A 189 3.41 -9.78 12.87
N PRO A 190 2.50 -8.87 13.18
CA PRO A 190 1.23 -9.27 13.79
C PRO A 190 0.47 -10.34 13.02
N THR A 191 -0.09 -11.31 13.75
CA THR A 191 -1.09 -12.20 13.19
C THR A 191 -2.29 -11.32 12.83
N ASN A 192 -2.65 -10.46 13.78
CA ASN A 192 -3.80 -9.58 13.70
C ASN A 192 -3.33 -8.13 13.66
N ALA A 193 -2.97 -7.65 12.47
CA ALA A 193 -2.45 -6.29 12.34
C ALA A 193 -3.52 -5.26 12.70
N LEU A 194 -3.07 -4.14 13.27
CA LEU A 194 -3.92 -3.01 13.58
C LEU A 194 -3.21 -1.72 13.21
N VAL A 195 -3.75 -0.99 12.24
CA VAL A 195 -3.16 0.22 11.70
C VAL A 195 -4.04 1.42 12.05
N ILE A 196 -3.43 2.49 12.54
CA ILE A 196 -4.14 3.73 12.87
C ILE A 196 -3.77 4.86 11.89
N PHE A 197 -4.79 5.49 11.30
CA PHE A 197 -4.64 6.63 10.42
C PHE A 197 -5.22 7.86 11.14
N ALA A 198 -4.35 8.63 11.75
CA ALA A 198 -4.68 9.92 12.36
C ALA A 198 -4.41 11.01 11.33
N SER A 199 -5.47 11.41 10.63
CA SER A 199 -5.33 12.24 9.45
C SER A 199 -5.68 13.69 9.75
N PRO A 200 -4.99 14.64 9.11
CA PRO A 200 -5.37 16.04 9.26
C PRO A 200 -6.65 16.26 8.48
N PHE A 201 -7.46 17.21 8.88
CA PHE A 201 -8.57 17.63 8.04
C PHE A 201 -8.05 18.06 6.67
N LEU A 202 -8.85 17.91 5.62
CA LEU A 202 -8.43 18.21 4.25
C LEU A 202 -8.16 19.70 4.05
N PRO A 203 -7.22 20.02 3.15
CA PRO A 203 -7.05 21.40 2.69
C PRO A 203 -8.37 21.90 2.09
N SER A 204 -8.74 23.16 2.34
CA SER A 204 -10.05 23.67 1.91
C SER A 204 -10.30 23.54 0.40
N GLY A 205 -9.24 23.69 -0.38
CA GLY A 205 -9.31 23.55 -1.83
C GLY A 205 -9.55 22.13 -2.34
N MET A 206 -9.45 21.14 -1.45
CA MET A 206 -9.67 19.73 -1.82
C MET A 206 -11.05 19.19 -1.37
N ILE A 207 -11.90 20.05 -0.83
CA ILE A 207 -13.32 19.73 -0.64
C ILE A 207 -14.10 20.55 -1.66
N PRO A 208 -14.79 19.90 -2.58
CA PRO A 208 -15.46 20.65 -3.64
C PRO A 208 -16.66 21.43 -3.11
N HIS A 209 -16.97 22.55 -3.75
CA HIS A 209 -18.15 23.34 -3.46
C HIS A 209 -19.31 22.71 -4.22
N MET A 210 -20.20 22.00 -3.53
CA MET A 210 -21.24 21.18 -4.16
C MET A 210 -22.62 21.83 -4.13
N THR A 211 -23.31 21.84 -5.27
CA THR A 211 -24.70 22.27 -5.41
C THR A 211 -25.48 21.17 -6.13
N PRO A 212 -26.82 21.20 -6.07
CA PRO A 212 -27.61 20.25 -6.85
C PRO A 212 -27.30 20.29 -8.35
N ASP A 213 -26.89 21.43 -8.88
CA ASP A 213 -26.62 21.52 -10.32
C ASP A 213 -25.29 20.89 -10.72
N ASN A 214 -24.27 20.95 -9.86
CA ASN A 214 -22.94 20.44 -10.23
C ASN A 214 -22.52 19.11 -9.61
N THR A 215 -23.40 18.50 -8.79
CA THR A 215 -23.06 17.30 -8.03
C THR A 215 -24.14 16.22 -8.08
N GLN A 216 -23.73 14.98 -8.36
CA GLN A 216 -24.56 13.79 -8.19
C GLN A 216 -24.31 13.23 -6.81
N THR A 217 -25.31 13.33 -5.94
CA THR A 217 -25.24 12.81 -4.58
C THR A 217 -25.77 11.39 -4.56
N MET A 218 -24.90 10.42 -4.26
CA MET A 218 -25.29 9.01 -4.22
C MET A 218 -26.06 8.63 -2.94
N THR A 219 -26.94 7.64 -3.06
CA THR A 219 -27.76 7.10 -1.97
C THR A 219 -27.18 5.75 -1.52
N PRO A 220 -26.83 5.61 -0.24
CA PRO A 220 -26.35 4.31 0.25
C PRO A 220 -27.25 3.14 -0.15
N GLY A 221 -26.62 2.06 -0.59
CA GLY A 221 -27.30 0.92 -1.17
C GLY A 221 -26.63 0.40 -2.43
N PRO A 222 -27.32 -0.44 -3.21
CA PRO A 222 -26.72 -0.98 -4.43
C PRO A 222 -26.49 0.11 -5.48
N ILE A 223 -25.34 0.04 -6.14
CA ILE A 223 -25.04 0.90 -7.29
C ILE A 223 -25.44 0.15 -8.55
N ASN A 224 -26.53 0.58 -9.19
CA ASN A 224 -26.91 0.06 -10.50
C ASN A 224 -26.27 0.88 -11.60
N ASN A 225 -26.16 0.28 -12.78
CA ASN A 225 -25.49 0.91 -13.93
C ASN A 225 -26.09 2.29 -14.24
N GLY A 226 -25.23 3.29 -14.35
CA GLY A 226 -25.63 4.66 -14.68
C GLY A 226 -26.06 5.52 -13.51
N ASP A 227 -26.16 4.93 -12.31
CA ASP A 227 -26.61 5.65 -11.10
C ASP A 227 -25.69 6.81 -10.76
N TRP A 228 -24.43 6.75 -11.25
CA TRP A 228 -23.46 7.79 -10.96
C TRP A 228 -23.65 9.07 -11.79
N GLY A 229 -24.54 9.03 -12.78
CA GLY A 229 -24.94 10.25 -13.51
C GLY A 229 -23.88 10.89 -14.38
N ALA A 230 -24.00 12.20 -14.60
CA ALA A 230 -23.15 12.93 -15.54
C ALA A 230 -22.88 14.37 -15.10
N LYS A 231 -22.70 14.57 -13.80
CA LYS A 231 -22.41 15.89 -13.23
C LYS A 231 -20.92 16.06 -13.02
N SER A 232 -20.51 17.31 -12.74
CA SER A 232 -19.09 17.64 -12.51
C SER A 232 -18.47 16.80 -11.37
N ILE A 233 -19.24 16.65 -10.29
CA ILE A 233 -18.78 15.97 -9.06
C ILE A 233 -19.65 14.76 -8.76
N LEU A 234 -19.01 13.65 -8.38
CA LEU A 234 -19.69 12.48 -7.88
C LEU A 234 -19.38 12.39 -6.39
N TYR A 235 -20.42 12.43 -5.55
CA TYR A 235 -20.29 12.53 -4.11
C TYR A 235 -20.90 11.30 -3.42
N PHE A 236 -20.11 10.64 -2.59
CA PHE A 236 -20.56 9.53 -1.73
C PHE A 236 -20.58 10.02 -0.28
N PRO A 237 -21.76 10.38 0.24
CA PRO A 237 -21.89 10.73 1.66
C PRO A 237 -21.71 9.47 2.54
N PRO A 238 -21.66 9.63 3.87
CA PRO A 238 -21.46 8.46 4.74
C PRO A 238 -22.48 7.34 4.47
N GLY A 239 -21.99 6.10 4.52
CA GLY A 239 -22.79 4.93 4.18
C GLY A 239 -22.04 3.87 3.41
N VAL A 240 -22.74 2.79 3.10
CA VAL A 240 -22.18 1.66 2.36
C VAL A 240 -22.83 1.52 0.97
N TYR A 241 -21.97 1.37 -0.05
CA TYR A 241 -22.34 1.30 -1.47
C TYR A 241 -21.62 0.11 -2.10
N TRP A 242 -22.25 -0.56 -3.06
CA TRP A 242 -21.62 -1.70 -3.75
C TRP A 242 -22.10 -1.83 -5.20
N MET A 243 -21.19 -2.15 -6.13
CA MET A 243 -21.60 -2.50 -7.49
C MET A 243 -22.51 -3.72 -7.38
N ASN A 244 -23.69 -3.66 -8.01
CA ASN A 244 -24.68 -4.73 -7.87
C ASN A 244 -25.15 -5.35 -9.19
N GLN A 245 -24.61 -4.89 -10.31
CA GLN A 245 -24.99 -5.44 -11.61
C GLN A 245 -23.77 -5.77 -12.45
N ASP A 246 -23.98 -6.67 -13.40
CA ASP A 246 -23.02 -6.87 -14.47
C ASP A 246 -23.23 -5.78 -15.53
N GLN A 247 -22.41 -5.79 -16.57
CA GLN A 247 -22.46 -4.73 -17.58
C GLN A 247 -23.74 -4.75 -18.39
N SER A 248 -24.40 -5.91 -18.44
CA SER A 248 -25.68 -6.06 -19.15
C SER A 248 -26.90 -5.62 -18.36
N GLY A 249 -26.69 -5.27 -17.09
CA GLY A 249 -27.76 -4.76 -16.24
C GLY A 249 -28.47 -5.82 -15.41
N ASN A 250 -27.89 -7.01 -15.31
CA ASN A 250 -28.46 -8.03 -14.44
C ASN A 250 -28.08 -7.76 -12.98
N SER A 251 -29.08 -7.76 -12.10
CA SER A 251 -28.91 -7.44 -10.68
C SER A 251 -28.50 -8.67 -9.84
N GLY A 252 -28.00 -8.39 -8.64
CA GLY A 252 -27.57 -9.43 -7.71
C GLY A 252 -26.21 -10.03 -8.01
N LYS A 253 -25.36 -9.26 -8.69
CA LYS A 253 -24.01 -9.69 -9.02
C LYS A 253 -22.98 -8.68 -8.48
N LEU A 254 -22.13 -9.13 -7.57
CA LEU A 254 -21.04 -8.31 -7.04
C LEU A 254 -19.77 -8.46 -7.88
N GLY A 255 -18.88 -7.47 -7.81
CA GLY A 255 -17.58 -7.53 -8.50
C GLY A 255 -17.64 -7.77 -10.01
N SER A 256 -18.73 -7.31 -10.64
CA SER A 256 -19.04 -7.66 -12.03
C SER A 256 -19.18 -6.43 -12.94
N ASN A 257 -18.80 -5.27 -12.42
CA ASN A 257 -18.74 -4.01 -13.16
C ASN A 257 -17.89 -3.01 -12.38
N HIS A 258 -17.47 -1.91 -13.04
CA HIS A 258 -16.89 -0.77 -12.34
C HIS A 258 -17.51 0.55 -12.82
N ILE A 259 -17.17 1.65 -12.17
CA ILE A 259 -17.75 2.95 -12.48
C ILE A 259 -16.95 3.61 -13.63
N ARG A 260 -17.52 3.53 -14.83
CA ARG A 260 -17.04 4.28 -16.00
C ARG A 260 -17.70 5.66 -16.01
N LEU A 261 -16.98 6.66 -15.53
CA LEU A 261 -17.52 8.01 -15.38
C LEU A 261 -17.84 8.64 -16.74
N ASN A 262 -18.92 9.41 -16.78
CA ASN A 262 -19.16 10.32 -17.92
C ASN A 262 -17.96 11.29 -18.04
N SER A 263 -17.65 11.74 -19.25
CA SER A 263 -16.55 12.69 -19.44
C SER A 263 -16.78 14.03 -18.70
N ASN A 264 -18.02 14.35 -18.35
CA ASN A 264 -18.32 15.56 -17.55
C ASN A 264 -17.79 15.52 -16.11
N THR A 265 -17.67 14.31 -15.56
CA THR A 265 -17.35 14.13 -14.15
C THR A 265 -15.83 14.11 -13.91
N TYR A 266 -15.33 15.16 -13.26
CA TYR A 266 -13.90 15.29 -13.01
C TYR A 266 -13.50 15.15 -11.53
N TRP A 267 -14.46 15.02 -10.62
CA TRP A 267 -14.18 14.95 -9.19
C TRP A 267 -15.00 13.83 -8.55
N VAL A 268 -14.32 12.92 -7.83
CA VAL A 268 -14.97 11.90 -7.01
C VAL A 268 -14.63 12.24 -5.56
N TYR A 269 -15.65 12.50 -4.74
CA TYR A 269 -15.47 12.93 -3.36
C TYR A 269 -16.06 11.89 -2.42
N LEU A 270 -15.22 11.32 -1.54
CA LEU A 270 -15.62 10.27 -0.60
C LEU A 270 -15.67 10.81 0.81
N ALA A 271 -16.86 10.94 1.39
CA ALA A 271 -16.99 11.48 2.76
C ALA A 271 -16.30 10.56 3.77
N PRO A 272 -15.91 11.09 4.92
CA PRO A 272 -15.47 10.24 6.02
C PRO A 272 -16.66 9.35 6.38
N GLY A 273 -16.45 8.05 6.52
CA GLY A 273 -17.54 7.15 6.79
C GLY A 273 -18.26 6.61 5.56
N ALA A 274 -17.77 6.95 4.36
CA ALA A 274 -18.22 6.31 3.13
C ALA A 274 -17.35 5.09 2.86
N TYR A 275 -17.99 3.99 2.44
CA TYR A 275 -17.34 2.74 2.11
C TYR A 275 -17.95 2.26 0.80
N VAL A 276 -17.18 2.29 -0.28
CA VAL A 276 -17.66 1.96 -1.62
C VAL A 276 -16.96 0.71 -2.16
N LYS A 277 -17.72 -0.35 -2.41
CA LYS A 277 -17.21 -1.56 -3.04
C LYS A 277 -17.31 -1.35 -4.56
N GLY A 278 -16.19 -1.01 -5.17
CA GLY A 278 -16.13 -0.71 -6.59
C GLY A 278 -14.75 -0.21 -7.00
N ALA A 279 -14.69 0.41 -8.17
CA ALA A 279 -13.46 1.01 -8.71
C ALA A 279 -13.84 2.14 -9.69
N ILE A 280 -12.93 3.10 -9.93
CA ILE A 280 -13.24 4.34 -10.65
C ILE A 280 -12.39 4.47 -11.93
N GLU A 281 -13.05 4.65 -13.07
CA GLU A 281 -12.38 5.00 -14.32
C GLU A 281 -12.85 6.37 -14.80
N TYR A 282 -11.94 7.31 -14.87
CA TYR A 282 -12.21 8.65 -15.38
C TYR A 282 -12.15 8.67 -16.92
N PHE A 283 -12.91 9.59 -17.52
CA PHE A 283 -12.92 9.84 -18.98
C PHE A 283 -12.65 11.31 -19.36
N THR A 284 -12.70 12.23 -18.40
CA THR A 284 -12.54 13.67 -18.63
C THR A 284 -11.17 14.05 -19.18
N LYS A 285 -11.15 15.12 -19.97
CA LYS A 285 -9.93 15.67 -20.56
C LYS A 285 -9.34 16.82 -19.75
N GLN A 286 -10.01 17.21 -18.66
CA GLN A 286 -9.50 18.28 -17.79
C GLN A 286 -8.83 17.68 -16.54
N ASN A 287 -8.27 18.53 -15.68
CA ASN A 287 -7.70 18.07 -14.40
C ASN A 287 -8.77 17.29 -13.62
N PHE A 288 -8.35 16.24 -12.91
CA PHE A 288 -9.31 15.39 -12.22
C PHE A 288 -8.89 15.06 -10.78
N TYR A 289 -9.86 14.63 -9.95
CA TYR A 289 -9.69 14.58 -8.50
C TYR A 289 -10.26 13.31 -7.87
N ALA A 290 -9.58 12.83 -6.82
CA ALA A 290 -10.12 11.84 -5.87
C ALA A 290 -9.77 12.33 -4.50
N THR A 291 -10.75 12.87 -3.77
CA THR A 291 -10.47 13.39 -2.42
C THR A 291 -11.47 12.90 -1.39
N GLY A 292 -11.12 13.08 -0.12
CA GLY A 292 -11.98 12.72 0.98
C GLY A 292 -11.48 11.53 1.77
N HIS A 293 -12.05 11.36 2.97
CA HIS A 293 -11.56 10.38 3.94
C HIS A 293 -12.38 9.07 4.00
N GLY A 294 -13.03 8.74 2.89
CA GLY A 294 -13.72 7.48 2.71
C GLY A 294 -12.81 6.40 2.14
N ILE A 295 -13.42 5.27 1.82
CA ILE A 295 -12.74 4.05 1.37
C ILE A 295 -13.34 3.54 0.05
N LEU A 296 -12.46 3.21 -0.89
CA LEU A 296 -12.81 2.48 -2.11
C LEU A 296 -12.22 1.06 -2.02
N SER A 297 -13.08 0.04 -2.06
CA SER A 297 -12.69 -1.35 -1.80
C SER A 297 -12.89 -2.25 -3.01
N GLY A 298 -11.87 -3.02 -3.37
CA GLY A 298 -11.98 -4.03 -4.42
C GLY A 298 -12.28 -5.44 -3.93
N GLU A 299 -12.85 -5.56 -2.74
CA GLU A 299 -13.02 -6.87 -2.08
C GLU A 299 -13.97 -7.85 -2.76
N ASN A 300 -14.83 -7.36 -3.65
CA ASN A 300 -15.74 -8.25 -4.41
C ASN A 300 -15.12 -8.73 -5.74
N TYR A 301 -13.98 -8.15 -6.13
CA TYR A 301 -13.29 -8.58 -7.36
C TYR A 301 -12.34 -9.76 -7.14
N VAL A 302 -12.34 -10.67 -8.12
CA VAL A 302 -11.42 -11.79 -8.10
C VAL A 302 -10.02 -11.33 -8.51
N TYR A 303 -9.04 -12.17 -8.25
CA TYR A 303 -7.64 -11.92 -8.61
C TYR A 303 -7.51 -11.62 -10.10
N GLN A 304 -6.93 -10.46 -10.45
CA GLN A 304 -6.67 -10.03 -11.84
C GLN A 304 -7.94 -9.69 -12.63
N ALA A 305 -9.06 -9.46 -11.93
CA ALA A 305 -10.37 -9.22 -12.53
C ALA A 305 -10.29 -8.46 -13.86
N ASN A 306 -10.70 -9.10 -14.95
CA ASN A 306 -10.51 -8.56 -16.29
C ASN A 306 -11.74 -7.77 -16.76
N ALA A 307 -11.65 -6.46 -16.71
CA ALA A 307 -12.77 -5.58 -17.06
C ALA A 307 -13.16 -5.65 -18.55
N GLY A 308 -12.26 -6.20 -19.39
CA GLY A 308 -12.56 -6.48 -20.79
C GLY A 308 -13.14 -7.86 -21.07
N ASP A 309 -13.34 -8.67 -20.02
CA ASP A 309 -13.83 -10.06 -20.14
C ASP A 309 -14.62 -10.52 -18.89
N ASN A 310 -15.70 -9.82 -18.58
CA ASN A 310 -16.65 -10.25 -17.54
C ASN A 310 -16.07 -10.33 -16.11
N TYR A 311 -14.97 -9.60 -15.89
CA TYR A 311 -14.33 -9.47 -14.57
C TYR A 311 -13.85 -10.82 -13.98
N ILE A 312 -13.47 -11.76 -14.85
CA ILE A 312 -12.92 -13.05 -14.45
C ILE A 312 -11.40 -12.95 -14.27
N ALA A 313 -10.79 -14.01 -13.74
CA ALA A 313 -9.40 -14.01 -13.25
C ALA A 313 -8.39 -14.32 -14.34
N VAL A 314 -8.53 -13.67 -15.49
CA VAL A 314 -7.63 -13.82 -16.64
C VAL A 314 -6.84 -12.53 -16.76
N LYS A 315 -5.52 -12.61 -16.59
CA LYS A 315 -4.68 -11.40 -16.64
C LYS A 315 -4.66 -10.73 -18.01
N SER A 316 -4.89 -9.42 -18.03
CA SER A 316 -4.55 -8.58 -19.18
C SER A 316 -3.88 -7.30 -18.69
N ASP A 317 -2.68 -7.01 -19.19
CA ASP A 317 -2.02 -5.77 -18.84
C ASP A 317 -2.83 -4.56 -19.27
N SER A 318 -3.56 -4.67 -20.38
CA SER A 318 -4.37 -3.54 -20.83
C SER A 318 -5.72 -3.45 -20.15
N THR A 319 -6.37 -4.58 -19.85
CA THR A 319 -7.77 -4.52 -19.37
C THR A 319 -8.08 -5.10 -17.99
N SER A 320 -7.10 -5.64 -17.27
CA SER A 320 -7.36 -6.02 -15.87
C SER A 320 -7.57 -4.75 -15.05
N LEU A 321 -8.45 -4.84 -14.05
CA LEU A 321 -9.04 -3.67 -13.43
C LEU A 321 -8.09 -2.94 -12.48
N ARG A 322 -7.92 -1.66 -12.70
CA ARG A 322 -7.26 -0.77 -11.75
C ARG A 322 -8.30 -0.14 -10.80
N MET A 323 -7.88 0.20 -9.59
CA MET A 323 -8.73 0.95 -8.67
C MET A 323 -8.97 2.40 -9.13
N TRP A 324 -7.94 3.03 -9.68
CA TRP A 324 -8.02 4.36 -10.28
C TRP A 324 -7.47 4.24 -11.71
N TRP A 325 -8.29 4.60 -12.70
CA TRP A 325 -7.98 4.29 -14.09
C TRP A 325 -8.38 5.43 -15.02
N HIS A 326 -7.68 5.51 -16.15
CA HIS A 326 -8.06 6.41 -17.24
C HIS A 326 -7.47 5.83 -18.51
N ASN A 327 -8.26 5.83 -19.58
CA ASN A 327 -7.79 5.31 -20.87
C ASN A 327 -8.02 6.31 -22.02
N ASN A 328 -8.26 7.57 -21.67
CA ASN A 328 -8.61 8.60 -22.66
C ASN A 328 -8.02 9.98 -22.34
N LEU A 329 -6.76 10.00 -21.89
CA LEU A 329 -6.13 11.26 -21.49
C LEU A 329 -6.04 12.21 -22.68
N GLY A 330 -6.16 13.51 -22.42
CA GLY A 330 -6.08 14.56 -23.45
C GLY A 330 -4.79 15.36 -23.51
N GLY A 331 -3.93 15.22 -22.50
CA GLY A 331 -2.68 15.98 -22.42
C GLY A 331 -2.83 17.24 -21.55
N GLY A 332 -1.78 17.60 -20.83
CA GLY A 332 -1.87 18.73 -19.91
C GLY A 332 -2.79 18.55 -18.70
N GLN A 333 -2.80 17.34 -18.13
CA GLN A 333 -3.65 17.00 -17.00
C GLN A 333 -2.89 16.65 -15.75
N THR A 334 -3.50 16.94 -14.60
CA THR A 334 -3.00 16.56 -13.27
C THR A 334 -4.14 15.84 -12.50
N TRP A 335 -3.80 14.72 -11.85
CA TRP A 335 -4.67 14.07 -10.86
C TRP A 335 -4.33 14.55 -9.46
N TYR A 336 -5.34 15.02 -8.73
CA TYR A 336 -5.22 15.42 -7.33
C TYR A 336 -5.86 14.31 -6.47
N CYS A 337 -5.04 13.58 -5.73
CA CYS A 337 -5.49 12.51 -4.85
C CYS A 337 -5.11 12.82 -3.42
N VAL A 338 -6.09 13.25 -2.62
CA VAL A 338 -5.83 13.74 -1.26
C VAL A 338 -6.90 13.16 -0.33
N GLY A 339 -6.51 12.18 0.47
CA GLY A 339 -7.37 11.64 1.53
C GLY A 339 -7.80 10.18 1.44
N PRO A 340 -8.12 9.67 0.24
CA PRO A 340 -8.67 8.31 0.14
C PRO A 340 -7.82 7.14 0.66
N THR A 341 -8.54 6.08 1.03
CA THR A 341 -7.96 4.76 1.34
C THR A 341 -8.50 3.76 0.34
N ILE A 342 -7.64 2.97 -0.29
CA ILE A 342 -8.10 1.80 -1.03
C ILE A 342 -7.82 0.52 -0.24
N ASN A 343 -8.70 -0.44 -0.40
CA ASN A 343 -8.68 -1.73 0.27
C ASN A 343 -8.79 -2.83 -0.78
N ALA A 344 -8.08 -3.93 -0.57
CA ALA A 344 -8.26 -5.17 -1.35
C ALA A 344 -8.26 -4.99 -2.89
N PRO A 345 -7.21 -4.40 -3.45
CA PRO A 345 -7.13 -4.28 -4.91
C PRO A 345 -6.93 -5.66 -5.56
N PRO A 346 -7.64 -5.95 -6.66
CA PRO A 346 -7.46 -7.22 -7.39
C PRO A 346 -6.23 -7.27 -8.29
N PHE A 347 -5.62 -6.12 -8.58
CA PHE A 347 -4.56 -6.03 -9.59
C PHE A 347 -3.73 -4.75 -9.34
N ASN A 348 -2.96 -4.31 -10.33
CA ASN A 348 -2.27 -3.01 -10.26
C ASN A 348 -3.25 -1.92 -9.81
N THR A 349 -2.82 -0.99 -8.94
CA THR A 349 -3.79 -0.06 -8.33
C THR A 349 -4.16 1.17 -9.18
N MET A 350 -3.25 1.66 -10.02
CA MET A 350 -3.48 2.91 -10.77
C MET A 350 -2.70 2.98 -12.07
N ASP A 351 -3.39 3.34 -13.16
CA ASP A 351 -2.73 3.68 -14.43
C ASP A 351 -3.60 4.68 -15.20
N PHE A 352 -2.97 5.72 -15.75
CA PHE A 352 -3.64 6.71 -16.59
C PHE A 352 -2.98 6.70 -18.00
N ASN A 353 -3.75 6.38 -19.03
CA ASN A 353 -3.24 6.11 -20.39
C ASN A 353 -3.88 7.05 -21.44
N GLY A 354 -3.14 7.33 -22.53
CA GLY A 354 -3.72 7.98 -23.72
C GLY A 354 -2.85 9.05 -24.34
N ASN A 355 -2.11 9.76 -23.50
CA ASN A 355 -1.20 10.83 -23.90
C ASN A 355 -0.22 11.00 -22.74
N SER A 356 0.99 11.48 -23.02
CA SER A 356 2.04 11.48 -21.99
C SER A 356 1.99 12.67 -21.01
N GLY A 357 1.21 13.70 -21.31
CA GLY A 357 1.13 14.91 -20.49
C GLY A 357 0.25 14.74 -19.26
N ILE A 358 0.73 13.95 -18.31
CA ILE A 358 0.02 13.64 -17.06
C ILE A 358 1.01 13.70 -15.89
N SER A 359 0.50 14.13 -14.73
CA SER A 359 1.25 14.17 -13.48
C SER A 359 0.24 14.01 -12.33
N SER A 360 0.70 13.69 -11.12
CA SER A 360 -0.20 13.59 -9.95
C SER A 360 0.36 14.33 -8.74
N GLN A 361 -0.58 14.83 -7.93
CA GLN A 361 -0.29 15.37 -6.61
C GLN A 361 -1.03 14.45 -5.64
N ILE A 362 -0.29 13.59 -4.94
CA ILE A 362 -0.85 12.54 -4.09
C ILE A 362 -0.41 12.74 -2.65
N SER A 363 -1.36 12.86 -1.73
CA SER A 363 -1.03 12.99 -0.31
C SER A 363 -2.14 12.46 0.58
N ASP A 364 -1.78 12.11 1.82
CA ASP A 364 -2.72 11.54 2.79
C ASP A 364 -3.50 10.40 2.15
N TYR A 365 -2.77 9.45 1.58
CA TYR A 365 -3.32 8.40 0.73
C TYR A 365 -2.82 7.04 1.22
N LYS A 366 -3.74 6.11 1.40
CA LYS A 366 -3.49 4.84 2.09
C LYS A 366 -3.94 3.65 1.24
N GLN A 367 -3.21 2.53 1.35
CA GLN A 367 -3.51 1.29 0.65
C GLN A 367 -3.34 0.13 1.65
N VAL A 368 -4.43 -0.63 1.85
CA VAL A 368 -4.49 -1.72 2.83
C VAL A 368 -5.10 -3.00 2.25
N GLY A 369 -4.79 -4.13 2.89
CA GLY A 369 -5.36 -5.41 2.51
C GLY A 369 -4.96 -5.88 1.12
N ALA A 370 -3.74 -5.58 0.71
CA ALA A 370 -3.23 -5.90 -0.63
C ALA A 370 -2.42 -7.20 -0.62
N PHE A 371 -3.07 -8.31 -0.28
CA PHE A 371 -2.39 -9.60 -0.15
C PHE A 371 -2.07 -10.29 -1.48
N PHE A 372 -2.85 -9.99 -2.52
CA PHE A 372 -2.65 -10.60 -3.85
C PHE A 372 -1.33 -10.09 -4.48
N PHE A 373 -0.69 -10.94 -5.27
CA PHE A 373 0.38 -10.51 -6.19
C PHE A 373 -0.16 -9.35 -7.08
N GLN A 374 0.77 -8.57 -7.63
CA GLN A 374 0.49 -7.52 -8.61
C GLN A 374 -0.20 -6.26 -8.06
N THR A 375 -0.23 -6.13 -6.73
CA THR A 375 -0.86 -4.98 -6.08
C THR A 375 0.17 -3.84 -5.86
N ASP A 376 0.72 -3.32 -6.97
CA ASP A 376 1.70 -2.26 -6.85
C ASP A 376 1.12 -0.92 -6.42
N GLY A 377 1.99 -0.02 -6.00
CA GLY A 377 1.60 1.34 -5.71
C GLY A 377 1.25 2.09 -6.99
N PRO A 378 0.81 3.33 -6.84
CA PRO A 378 0.37 4.12 -8.00
C PRO A 378 1.57 4.51 -8.88
N GLU A 379 1.34 4.77 -10.16
CA GLU A 379 2.41 5.29 -11.02
C GLU A 379 2.87 6.66 -10.51
N ILE A 380 4.13 6.96 -10.76
CA ILE A 380 4.80 8.17 -10.34
C ILE A 380 5.19 8.96 -11.62
N TYR A 381 4.17 9.55 -12.23
CA TYR A 381 4.29 10.26 -13.51
C TYR A 381 5.19 11.50 -13.42
N PRO A 382 5.63 12.03 -14.56
CA PRO A 382 6.57 13.15 -14.55
C PRO A 382 6.17 14.31 -13.64
N ASN A 383 7.14 14.79 -12.85
CA ASN A 383 6.96 15.93 -11.96
C ASN A 383 5.88 15.75 -10.85
N SER A 384 5.52 14.50 -10.56
CA SER A 384 4.58 14.21 -9.48
C SER A 384 5.15 14.65 -8.12
N VAL A 385 4.25 14.99 -7.19
CA VAL A 385 4.64 15.25 -5.81
C VAL A 385 3.78 14.35 -4.93
N VAL A 386 4.43 13.41 -4.25
CA VAL A 386 3.79 12.43 -3.36
C VAL A 386 4.31 12.64 -1.94
N HIS A 387 3.42 12.77 -0.96
CA HIS A 387 3.81 12.92 0.43
C HIS A 387 2.80 12.35 1.41
N ASP A 388 3.29 11.73 2.48
CA ASP A 388 2.47 11.27 3.63
C ASP A 388 1.53 10.15 3.20
N VAL A 389 2.12 9.00 2.88
CA VAL A 389 1.41 7.83 2.40
C VAL A 389 1.76 6.59 3.23
N PHE A 390 0.85 5.61 3.23
CA PHE A 390 1.05 4.32 3.92
C PHE A 390 0.47 3.27 2.99
N TRP A 391 1.35 2.45 2.42
CA TRP A 391 0.97 1.46 1.41
C TRP A 391 1.42 0.03 1.78
N HIS A 392 0.44 -0.85 1.90
CA HIS A 392 0.62 -2.31 1.98
C HIS A 392 0.65 -2.82 0.54
N VAL A 393 1.68 -3.58 0.17
CA VAL A 393 1.89 -4.03 -1.24
C VAL A 393 2.43 -5.46 -1.34
N ASN A 394 2.02 -6.19 -2.37
CA ASN A 394 2.66 -7.44 -2.76
C ASN A 394 3.15 -7.35 -4.22
N ASP A 395 3.62 -6.16 -4.58
CA ASP A 395 4.39 -5.91 -5.82
C ASP A 395 5.11 -4.56 -5.65
N ASP A 396 5.71 -4.04 -6.72
CA ASP A 396 6.48 -2.78 -6.70
C ASP A 396 5.79 -1.69 -5.89
N ALA A 397 6.50 -1.11 -4.91
CA ALA A 397 5.90 -0.04 -4.11
C ALA A 397 5.99 1.34 -4.77
N ILE A 398 7.20 1.71 -5.18
CA ILE A 398 7.48 3.03 -5.76
C ILE A 398 8.18 2.81 -7.11
N LYS A 399 7.45 3.06 -8.19
CA LYS A 399 7.93 2.80 -9.56
C LYS A 399 8.51 4.08 -10.16
N ILE A 400 9.82 4.24 -10.07
CA ILE A 400 10.48 5.41 -10.64
C ILE A 400 10.79 5.18 -12.12
N TYR A 401 9.85 5.60 -12.97
CA TYR A 401 9.96 5.46 -14.42
C TYR A 401 10.06 6.83 -15.13
N TYR A 402 9.91 7.92 -14.39
CA TYR A 402 9.78 9.27 -14.96
C TYR A 402 10.56 10.33 -14.18
N SER A 403 10.99 11.39 -14.88
CA SER A 403 11.81 12.44 -14.27
C SER A 403 11.00 13.45 -13.45
N GLY A 404 11.70 14.13 -12.54
CA GLY A 404 11.20 15.30 -11.86
C GLY A 404 10.35 15.05 -10.61
N ALA A 405 10.11 13.77 -10.30
CA ALA A 405 9.16 13.40 -9.25
C ALA A 405 9.79 13.46 -7.88
N SER A 406 8.98 13.75 -6.85
CA SER A 406 9.42 13.69 -5.47
C SER A 406 8.44 12.83 -4.64
N VAL A 407 9.00 12.01 -3.76
CA VAL A 407 8.23 11.14 -2.86
C VAL A 407 8.78 11.36 -1.47
N SER A 408 7.92 11.73 -0.52
CA SER A 408 8.36 12.11 0.83
C SER A 408 7.46 11.51 1.89
N ARG A 409 8.06 11.02 2.98
CA ARG A 409 7.30 10.46 4.11
C ARG A 409 6.36 9.34 3.66
N ALA A 410 6.97 8.30 3.11
CA ALA A 410 6.24 7.09 2.66
C ALA A 410 6.58 5.93 3.58
N THR A 411 5.54 5.28 4.10
CA THR A 411 5.69 4.07 4.90
C THR A 411 5.17 2.89 4.10
N ILE A 412 6.00 1.84 3.95
CA ILE A 412 5.69 0.69 3.11
C ILE A 412 5.68 -0.59 3.94
N TRP A 413 4.63 -1.38 3.78
CA TRP A 413 4.47 -2.69 4.39
C TRP A 413 4.46 -3.70 3.24
N LYS A 414 5.59 -4.39 3.05
CA LYS A 414 5.79 -5.33 1.94
C LYS A 414 5.42 -6.76 2.34
N CYS A 415 4.82 -7.49 1.41
CA CYS A 415 4.56 -8.91 1.56
C CYS A 415 5.79 -9.67 1.00
N HIS A 416 5.71 -10.27 -0.18
CA HIS A 416 6.82 -11.13 -0.65
C HIS A 416 7.14 -11.06 -2.15
N ASN A 417 6.86 -9.96 -2.83
CA ASN A 417 7.14 -9.90 -4.26
C ASN A 417 7.59 -8.52 -4.76
N ASP A 418 8.72 -8.51 -5.48
CA ASP A 418 9.28 -7.30 -6.12
C ASP A 418 9.84 -6.30 -5.08
N PRO A 419 10.62 -5.31 -5.51
CA PRO A 419 11.34 -4.44 -4.58
C PRO A 419 10.47 -3.33 -3.98
N ILE A 420 11.07 -2.53 -3.10
CA ILE A 420 10.42 -1.32 -2.62
C ILE A 420 10.43 -0.27 -3.74
N ILE A 421 11.62 0.08 -4.24
CA ILE A 421 11.77 0.98 -5.37
C ILE A 421 12.10 0.14 -6.62
N GLN A 422 11.37 0.37 -7.71
CA GLN A 422 11.58 -0.35 -8.98
C GLN A 422 11.91 0.65 -10.09
N MET A 423 12.96 0.34 -10.86
CA MET A 423 13.46 1.20 -11.95
C MET A 423 13.77 0.45 -13.24
N GLY A 424 13.47 -0.85 -13.28
CA GLY A 424 13.92 -1.73 -14.35
C GLY A 424 12.86 -2.03 -15.41
N TRP A 425 12.98 -3.23 -16.01
CA TRP A 425 12.13 -3.76 -17.09
C TRP A 425 12.51 -3.25 -18.49
N THR A 426 12.95 -2.00 -18.61
CA THR A 426 13.45 -1.48 -19.89
C THR A 426 14.51 -0.41 -19.64
N SER A 427 15.20 0.00 -20.70
CA SER A 427 16.15 1.10 -20.62
C SER A 427 15.38 2.40 -20.42
N ARG A 428 15.85 3.24 -19.51
CA ARG A 428 15.15 4.48 -19.12
C ARG A 428 16.13 5.62 -18.93
N ASP A 429 15.69 6.84 -19.25
CA ASP A 429 16.50 8.03 -19.01
C ASP A 429 15.73 8.90 -18.03
N ILE A 430 16.27 9.05 -16.83
CA ILE A 430 15.58 9.67 -15.70
C ILE A 430 16.54 10.59 -14.97
N SER A 431 16.06 11.75 -14.56
CA SER A 431 16.78 12.64 -13.66
C SER A 431 15.82 13.46 -12.81
N GLY A 432 16.34 14.16 -11.80
CA GLY A 432 15.55 15.08 -11.01
C GLY A 432 14.59 14.46 -10.01
N VAL A 433 14.79 13.18 -9.69
CA VAL A 433 13.93 12.45 -8.75
C VAL A 433 14.52 12.46 -7.34
N THR A 434 13.67 12.69 -6.35
CA THR A 434 14.06 12.64 -4.95
C THR A 434 13.07 11.76 -4.17
N ILE A 435 13.59 10.79 -3.41
CA ILE A 435 12.80 10.04 -2.43
C ILE A 435 13.41 10.28 -1.05
N ASP A 436 12.64 10.83 -0.11
CA ASP A 436 13.16 11.13 1.22
C ASP A 436 12.20 10.67 2.30
N THR A 437 12.76 10.14 3.38
CA THR A 437 12.03 9.63 4.54
C THR A 437 11.11 8.48 4.13
N LEU A 438 11.75 7.34 3.91
CA LEU A 438 11.13 6.11 3.45
C LEU A 438 11.30 5.09 4.56
N ASN A 439 10.19 4.62 5.12
CA ASN A 439 10.21 3.63 6.19
C ASN A 439 9.60 2.32 5.74
N VAL A 440 10.42 1.27 5.64
CA VAL A 440 9.95 -0.08 5.26
C VAL A 440 9.79 -0.85 6.56
N ILE A 441 8.54 -1.03 6.98
CA ILE A 441 8.26 -1.52 8.34
C ILE A 441 8.12 -3.03 8.45
N HIS A 442 7.81 -3.69 7.34
CA HIS A 442 7.81 -5.15 7.27
C HIS A 442 8.15 -5.63 5.88
N THR A 443 8.82 -6.79 5.81
CA THR A 443 8.91 -7.62 4.60
C THR A 443 8.83 -9.11 5.02
N ARG A 444 8.46 -9.98 4.10
CA ARG A 444 8.43 -11.42 4.37
C ARG A 444 8.71 -12.28 3.12
N TYR A 445 9.83 -11.98 2.45
CA TYR A 445 10.21 -12.69 1.24
C TYR A 445 10.39 -14.21 1.47
N ILE A 446 9.71 -15.01 0.65
CA ILE A 446 9.85 -16.47 0.68
C ILE A 446 11.15 -16.87 0.01
N LYS A 447 11.40 -16.24 -1.14
CA LYS A 447 12.53 -16.55 -2.04
C LYS A 447 13.49 -15.37 -2.21
N SER A 448 14.77 -15.70 -2.43
CA SER A 448 15.78 -14.72 -2.87
C SER A 448 15.73 -14.66 -4.40
N GLU A 449 15.37 -13.49 -4.96
CA GLU A 449 15.14 -13.34 -6.41
C GLU A 449 15.75 -12.06 -7.01
N THR A 450 16.09 -12.13 -8.31
CA THR A 450 16.56 -10.98 -9.07
C THR A 450 15.66 -10.55 -10.23
N VAL A 451 14.92 -11.49 -10.84
CA VAL A 451 13.99 -11.14 -11.92
C VAL A 451 12.90 -10.23 -11.35
N VAL A 452 12.39 -10.62 -10.17
CA VAL A 452 11.54 -9.77 -9.35
C VAL A 452 12.36 -9.49 -8.07
N PRO A 453 13.14 -8.42 -8.08
CA PRO A 453 14.20 -8.26 -7.06
C PRO A 453 13.68 -8.12 -5.62
N SER A 454 14.19 -9.00 -4.76
CA SER A 454 13.90 -8.95 -3.34
C SER A 454 14.93 -8.01 -2.69
N ALA A 455 14.63 -6.72 -2.74
CA ALA A 455 15.58 -5.67 -2.34
C ALA A 455 14.86 -4.34 -2.07
N ILE A 456 15.52 -3.43 -1.37
CA ILE A 456 15.00 -2.09 -1.18
C ILE A 456 15.03 -1.30 -2.50
N ILE A 457 16.17 -1.28 -3.17
CA ILE A 457 16.36 -0.54 -4.42
C ILE A 457 16.61 -1.56 -5.51
N GLY A 458 15.65 -1.72 -6.43
CA GLY A 458 15.68 -2.77 -7.42
C GLY A 458 15.50 -2.30 -8.86
N ALA A 459 16.07 -3.06 -9.80
CA ALA A 459 15.77 -2.92 -11.21
C ALA A 459 15.70 -4.31 -11.83
N SER A 460 14.49 -4.69 -12.25
CA SER A 460 14.26 -5.97 -12.90
C SER A 460 14.94 -5.98 -14.28
N PRO A 461 15.31 -7.17 -14.76
CA PRO A 461 15.89 -7.32 -16.11
C PRO A 461 14.85 -7.01 -17.20
N PHE A 462 15.29 -7.05 -18.46
CA PHE A 462 14.42 -6.78 -19.60
C PHE A 462 13.15 -7.64 -19.57
N TYR A 463 12.01 -7.01 -19.80
CA TYR A 463 10.73 -7.71 -19.85
C TYR A 463 10.63 -8.62 -21.09
N ALA A 464 11.42 -8.34 -22.13
CA ALA A 464 11.35 -9.06 -23.40
C ALA A 464 12.73 -9.45 -23.95
N SER A 465 12.75 -10.47 -24.80
CA SER A 465 14.03 -10.97 -25.36
C SER A 465 14.50 -10.11 -26.52
N GLY A 466 15.77 -10.32 -26.90
CA GLY A 466 16.38 -9.60 -28.00
C GLY A 466 16.51 -8.10 -27.76
N MET A 467 16.80 -7.72 -26.52
CA MET A 467 17.03 -6.32 -26.19
C MET A 467 18.44 -6.14 -25.66
N SER A 468 18.93 -4.92 -25.83
CA SER A 468 20.30 -4.59 -25.47
C SER A 468 20.30 -3.36 -24.55
N PRO A 469 21.12 -3.40 -23.50
CA PRO A 469 21.27 -2.22 -22.64
C PRO A 469 21.71 -1.01 -23.45
N ASP A 470 21.20 0.16 -23.09
CA ASP A 470 21.44 1.38 -23.85
C ASP A 470 22.39 2.32 -23.13
N SER A 471 23.61 2.43 -23.66
CA SER A 471 24.68 3.24 -23.08
C SER A 471 24.53 4.75 -23.27
N ARG A 472 23.52 5.17 -24.02
CA ARG A 472 23.24 6.59 -24.22
C ARG A 472 22.23 7.13 -23.22
N LYS A 473 21.64 6.23 -22.43
CA LYS A 473 20.66 6.59 -21.39
C LYS A 473 21.26 6.43 -19.98
N SER A 474 20.68 7.16 -19.02
CA SER A 474 21.11 7.10 -17.64
C SER A 474 19.99 7.39 -16.66
N ILE A 475 20.07 6.77 -15.48
CA ILE A 475 19.18 7.08 -14.35
C ILE A 475 19.98 7.78 -13.25
N SER A 476 19.47 8.92 -12.82
CA SER A 476 20.02 9.71 -11.73
C SER A 476 18.89 10.07 -10.75
N MET A 477 19.13 9.87 -9.45
CA MET A 477 18.19 10.27 -8.39
C MET A 477 18.88 10.39 -7.04
N THR A 478 18.16 10.94 -6.05
CA THR A 478 18.61 10.98 -4.67
C THR A 478 17.63 10.25 -3.78
N VAL A 479 18.11 9.25 -3.03
CA VAL A 479 17.32 8.50 -2.06
C VAL A 479 17.93 8.75 -0.70
N SER A 480 17.16 9.32 0.22
CA SER A 480 17.69 9.71 1.53
C SER A 480 16.77 9.36 2.71
N ASN A 481 17.36 9.15 3.88
CA ASN A 481 16.65 8.91 5.14
C ASN A 481 15.74 7.67 5.05
N VAL A 482 16.38 6.53 4.83
CA VAL A 482 15.71 5.24 4.67
C VAL A 482 15.91 4.40 5.93
N VAL A 483 14.85 3.76 6.38
CA VAL A 483 14.93 2.76 7.45
C VAL A 483 14.18 1.50 7.01
N CYS A 484 14.84 0.33 7.15
CA CYS A 484 14.16 -0.95 7.00
C CYS A 484 14.20 -1.67 8.35
N GLU A 485 13.04 -2.13 8.81
CA GLU A 485 12.86 -2.75 10.11
C GLU A 485 12.69 -4.27 9.99
N GLY A 486 13.21 -5.02 10.95
CA GLY A 486 13.19 -6.47 10.90
C GLY A 486 14.42 -7.03 10.21
N LEU A 487 14.52 -8.35 10.14
CA LEU A 487 15.62 -9.01 9.42
C LEU A 487 15.41 -8.77 7.93
N CYS A 488 16.18 -7.85 7.37
CA CYS A 488 15.81 -7.23 6.11
C CYS A 488 16.42 -7.84 4.85
N PRO A 489 15.80 -7.57 3.70
CA PRO A 489 16.37 -7.93 2.41
C PRO A 489 17.49 -6.98 2.01
N SER A 490 18.19 -7.33 0.94
CA SER A 490 19.33 -6.58 0.43
C SER A 490 19.01 -5.13 0.10
N LEU A 491 20.02 -4.27 0.16
CA LEU A 491 19.85 -2.86 -0.20
C LEU A 491 19.68 -2.65 -1.71
N PHE A 492 20.49 -3.33 -2.53
CA PHE A 492 20.47 -3.17 -3.99
C PHE A 492 20.38 -4.51 -4.73
N ARG A 493 19.43 -4.64 -5.66
CA ARG A 493 19.48 -5.69 -6.69
C ARG A 493 19.08 -5.08 -8.03
N ILE A 494 20.10 -4.69 -8.81
CA ILE A 494 19.93 -3.92 -10.04
C ILE A 494 20.54 -4.73 -11.19
N THR A 495 19.72 -5.10 -12.18
CA THR A 495 20.21 -5.58 -13.46
C THR A 495 20.35 -4.33 -14.35
N PRO A 496 21.57 -3.89 -14.68
CA PRO A 496 21.75 -2.62 -15.40
C PRO A 496 21.30 -2.66 -16.86
N LEU A 497 20.30 -1.83 -17.19
CA LEU A 497 19.74 -1.76 -18.54
C LEU A 497 20.16 -0.45 -19.23
N GLN A 498 20.83 0.40 -18.45
CA GLN A 498 21.42 1.67 -18.91
C GLN A 498 22.38 2.13 -17.82
N ASN A 499 23.03 3.28 -18.03
CA ASN A 499 23.96 3.83 -17.06
C ASN A 499 23.23 4.28 -15.78
N TYR A 500 23.95 4.24 -14.66
CA TYR A 500 23.57 4.91 -13.42
C TYR A 500 24.59 6.02 -13.19
N LYS A 501 24.10 7.24 -13.01
CA LYS A 501 24.96 8.43 -12.93
C LYS A 501 24.45 9.37 -11.84
N ASN A 502 25.36 9.91 -11.04
CA ASN A 502 25.01 10.81 -9.94
C ASN A 502 23.80 10.27 -9.16
N PHE A 503 23.93 9.01 -8.72
CA PHE A 503 22.84 8.29 -8.05
C PHE A 503 23.21 8.27 -6.57
N VAL A 504 22.57 9.14 -5.80
CA VAL A 504 22.91 9.34 -4.40
C VAL A 504 22.01 8.53 -3.47
N VAL A 505 22.61 7.80 -2.53
CA VAL A 505 21.90 7.07 -1.50
C VAL A 505 22.53 7.42 -0.15
N LYS A 506 21.79 8.12 0.70
CA LYS A 506 22.37 8.65 1.93
C LYS A 506 21.45 8.51 3.13
N ASN A 507 22.05 8.13 4.25
CA ASN A 507 21.36 7.91 5.53
C ASN A 507 20.37 6.75 5.42
N VAL A 508 20.90 5.53 5.41
CA VAL A 508 20.13 4.31 5.29
C VAL A 508 20.47 3.41 6.47
N ALA A 509 19.45 2.98 7.21
CA ALA A 509 19.64 2.19 8.43
C ALA A 509 18.86 0.88 8.43
N PHE A 510 19.51 -0.19 8.88
CA PHE A 510 18.90 -1.49 9.07
C PHE A 510 19.10 -1.90 10.55
N PRO A 511 18.34 -1.34 11.48
CA PRO A 511 18.61 -1.55 12.92
C PRO A 511 18.59 -2.99 13.42
N ASP A 512 17.82 -3.86 12.78
CA ASP A 512 17.71 -5.27 13.16
C ASP A 512 18.60 -6.21 12.35
N GLY A 513 19.34 -5.65 11.41
CA GLY A 513 20.28 -6.38 10.59
C GLY A 513 19.67 -6.82 9.27
N LEU A 514 20.55 -7.20 8.35
CA LEU A 514 20.18 -7.94 7.13
C LEU A 514 19.98 -9.42 7.46
N GLN A 515 19.14 -10.11 6.69
CA GLN A 515 19.14 -11.56 6.69
C GLN A 515 20.53 -12.09 6.36
N THR A 516 20.96 -13.14 7.07
CA THR A 516 22.23 -13.83 6.82
C THR A 516 22.03 -15.35 6.69
N ASN A 517 20.84 -15.74 6.29
CA ASN A 517 20.45 -17.13 6.15
C ASN A 517 20.82 -17.75 4.81
N SER A 518 20.58 -19.06 4.69
CA SER A 518 20.95 -19.82 3.50
C SER A 518 20.05 -19.53 2.31
N ILE A 519 18.93 -18.83 2.52
CA ILE A 519 18.11 -18.37 1.40
C ILE A 519 18.87 -17.32 0.56
N GLY A 520 19.55 -16.39 1.23
CA GLY A 520 20.45 -15.45 0.56
C GLY A 520 19.87 -14.08 0.26
N THR A 521 18.66 -13.82 0.76
CA THR A 521 17.92 -12.59 0.47
C THR A 521 18.63 -11.31 0.89
N GLY A 522 19.49 -11.41 1.90
CA GLY A 522 20.20 -10.27 2.42
C GLY A 522 21.30 -9.74 1.50
N GLU A 523 21.74 -10.55 0.55
CA GLU A 523 22.86 -10.16 -0.32
C GLU A 523 22.44 -9.22 -1.47
N SER A 524 23.13 -8.08 -1.59
CA SER A 524 22.95 -7.16 -2.74
C SER A 524 23.67 -7.73 -3.96
N ILE A 525 23.08 -7.55 -5.15
CA ILE A 525 23.61 -8.14 -6.38
C ILE A 525 23.49 -7.12 -7.54
N ILE A 526 24.64 -6.70 -8.09
CA ILE A 526 24.69 -5.87 -9.30
C ILE A 526 25.67 -6.53 -10.28
N PRO A 527 25.15 -7.31 -11.24
CA PRO A 527 26.01 -8.06 -12.16
C PRO A 527 26.70 -7.18 -13.22
N ALA A 528 27.69 -7.77 -13.89
CA ALA A 528 28.36 -7.10 -15.00
C ALA A 528 27.38 -6.73 -16.10
N ALA A 529 27.66 -5.60 -16.75
CA ALA A 529 26.90 -5.11 -17.89
C ALA A 529 27.85 -4.23 -18.73
N SER A 530 28.46 -4.87 -19.72
CA SER A 530 29.51 -4.28 -20.53
C SER A 530 29.17 -2.91 -21.12
N GLY A 531 30.04 -1.93 -20.86
CA GLY A 531 29.91 -0.59 -21.44
C GLY A 531 29.11 0.39 -20.60
N LEU A 532 28.52 -0.09 -19.48
CA LEU A 532 27.70 0.76 -18.62
C LEU A 532 28.41 1.14 -17.33
N THR A 533 28.09 2.32 -16.80
CA THR A 533 28.69 2.82 -15.57
C THR A 533 27.71 2.66 -14.41
N MET A 534 28.26 2.49 -13.21
CA MET A 534 27.49 2.32 -11.98
C MET A 534 27.93 3.40 -11.00
N GLY A 535 27.50 4.62 -11.27
CA GLY A 535 27.88 5.77 -10.46
C GLY A 535 27.07 5.97 -9.21
N LEU A 536 27.21 5.07 -8.23
CA LEU A 536 26.52 5.14 -6.95
C LEU A 536 27.36 5.83 -5.90
N ALA A 537 26.81 6.88 -5.28
CA ALA A 537 27.43 7.60 -4.19
C ALA A 537 26.67 7.32 -2.90
N ILE A 538 27.15 6.35 -2.14
CA ILE A 538 26.49 5.87 -0.94
C ILE A 538 27.14 6.44 0.30
N SER A 539 26.34 7.00 1.22
CA SER A 539 26.89 7.46 2.49
C SER A 539 25.96 7.20 3.67
N ALA A 540 26.56 7.12 4.86
CA ALA A 540 25.83 6.91 6.11
C ALA A 540 24.88 5.69 6.04
N TRP A 541 25.42 4.57 5.59
CA TRP A 541 24.74 3.27 5.59
C TRP A 541 25.17 2.51 6.86
N THR A 542 24.21 2.20 7.73
CA THR A 542 24.45 1.42 8.94
C THR A 542 23.58 0.16 8.98
N ILE A 543 24.11 -0.90 9.59
CA ILE A 543 23.43 -2.18 9.80
C ILE A 543 23.69 -2.64 11.23
N GLY A 544 22.63 -2.84 12.01
CA GLY A 544 22.74 -3.23 13.40
C GLY A 544 23.50 -2.20 14.24
N GLY A 545 23.44 -0.93 13.82
CA GLY A 545 24.09 0.18 14.51
C GLY A 545 25.56 0.39 14.16
N GLN A 546 26.07 -0.39 13.21
CA GLN A 546 27.48 -0.35 12.76
C GLN A 546 27.58 0.18 11.33
N LYS A 547 28.57 1.03 11.08
CA LYS A 547 28.77 1.65 9.77
C LYS A 547 29.31 0.67 8.73
N VAL A 548 28.70 0.69 7.55
CA VAL A 548 29.26 0.05 6.36
C VAL A 548 30.27 0.99 5.71
N THR A 549 31.48 0.47 5.45
CA THR A 549 32.59 1.25 4.92
C THR A 549 33.22 0.52 3.75
N MET A 550 34.29 1.08 3.20
CA MET A 550 35.04 0.39 2.13
C MET A 550 35.82 -0.83 2.66
N GLU A 551 35.87 -1.01 3.98
CA GLU A 551 36.54 -2.18 4.59
C GLU A 551 35.63 -3.37 4.95
N ASN A 552 34.29 -3.18 4.95
CA ASN A 552 33.39 -4.26 5.31
C ASN A 552 32.15 -4.38 4.41
N PHE A 553 32.19 -3.79 3.21
CA PHE A 553 31.05 -3.79 2.29
C PHE A 553 30.79 -5.16 1.67
N GLN A 554 31.82 -5.99 1.64
CA GLN A 554 31.86 -7.14 0.71
C GLN A 554 30.83 -8.24 1.00
N ALA A 555 30.68 -9.15 0.03
CA ALA A 555 29.63 -10.17 0.04
C ALA A 555 29.63 -11.02 1.32
N ASN A 556 30.81 -11.38 1.81
CA ASN A 556 30.92 -12.22 3.00
C ASN A 556 31.16 -11.43 4.30
N SER A 557 30.94 -10.11 4.24
CA SER A 557 31.09 -9.23 5.40
C SER A 557 29.78 -8.50 5.68
N LEU A 558 29.85 -7.35 6.36
CA LEU A 558 28.65 -6.67 6.85
C LEU A 558 27.67 -6.20 5.76
N GLY A 559 28.17 -5.52 4.73
CA GLY A 559 27.32 -4.93 3.72
C GLY A 559 26.66 -5.94 2.78
N GLN A 560 27.28 -7.12 2.66
CA GLN A 560 26.84 -8.15 1.69
C GLN A 560 26.65 -7.57 0.27
N PHE A 561 27.57 -6.71 -0.16
CA PHE A 561 27.40 -5.91 -1.38
C PHE A 561 28.16 -6.54 -2.55
N ASN A 562 27.50 -7.50 -3.20
CA ASN A 562 28.09 -8.20 -4.35
C ASN A 562 27.90 -7.42 -5.65
N ILE A 563 28.58 -6.28 -5.71
CA ILE A 563 28.64 -5.48 -6.92
C ILE A 563 29.83 -5.95 -7.75
N ASP A 564 29.60 -6.13 -9.04
CA ASP A 564 30.62 -6.68 -9.93
C ASP A 564 31.89 -5.83 -9.92
N GLY A 565 33.04 -6.50 -9.95
CA GLY A 565 34.32 -5.82 -9.90
C GLY A 565 34.63 -4.95 -11.10
N SER A 566 33.93 -5.17 -12.21
CA SER A 566 34.13 -4.35 -13.42
C SER A 566 33.79 -2.87 -13.17
N TYR A 567 32.99 -2.56 -12.15
CA TYR A 567 32.58 -1.20 -11.81
C TYR A 567 33.51 -0.48 -10.84
N TRP A 568 34.58 -1.14 -10.41
CA TRP A 568 35.47 -0.61 -9.38
C TRP A 568 35.94 0.80 -9.74
N GLY A 569 35.81 1.71 -8.77
CA GLY A 569 36.19 3.10 -8.97
C GLY A 569 35.07 4.05 -9.36
N GLU A 570 33.98 3.52 -9.92
CA GLU A 570 32.85 4.33 -10.37
C GLU A 570 31.90 4.67 -9.22
N TRP A 571 31.93 3.83 -8.17
CA TRP A 571 31.07 3.95 -6.99
C TRP A 571 31.90 4.15 -5.72
N GLN A 572 31.26 4.62 -4.65
CA GLN A 572 31.95 4.85 -3.37
C GLN A 572 30.98 4.74 -2.20
N ILE A 573 31.46 4.18 -1.08
CA ILE A 573 30.76 4.21 0.20
C ILE A 573 31.59 5.08 1.14
N SER A 574 30.94 6.06 1.78
CA SER A 574 31.62 6.92 2.74
C SER A 574 30.71 7.24 3.93
#